data_2HS5
#
_entry.id   2HS5
#
_cell.length_a   108.052
_cell.length_b   108.052
_cell.length_c   107.260
_cell.angle_alpha   90.00
_cell.angle_beta   90.00
_cell.angle_gamma   90.00
#
_symmetry.space_group_name_H-M   'I 4 2 2'
#
loop_
_entity.id
_entity.type
_entity.pdbx_description
1 polymer 'putative transcriptional regulator GntR'
2 non-polymer 'ACETATE ION'
3 water water
#
_entity_poly.entity_id   1
_entity_poly.type   'polypeptide(L)'
_entity_poly.pdbx_seq_one_letter_code
;GHLTSSNALRGDAHSRLAAHRGLLERTSRTTRVAGILRDAIIDGTFRPGARLSEPDICAALDVSRNTVREAFQILIEDRL
VAHELNRGVFVRVPTAEDITELYICRRVVECAGVNGFDPATGDLSRVAEALDLADERYAVEDWTGVGTADIHFHSALASL
NNSNRIDEL(MSE)RSVWNEARLVFHV(MSE)DDAHRFHGPYLTRNHEIYDALAAGNTEAAGQLLKTYLEDAEAQILGAY
RPVSGGS
;
_entity_poly.pdbx_strand_id   A
#
loop_
_chem_comp.id
_chem_comp.type
_chem_comp.name
_chem_comp.formula
ACT non-polymer 'ACETATE ION' 'C2 H3 O2 -1'
#
# COMPACT_ATOMS: atom_id res chain seq x y z
N THR A 27 -19.81 -10.49 -13.19
CA THR A 27 -18.80 -10.48 -12.07
C THR A 27 -17.34 -10.78 -12.50
N SER A 28 -17.14 -11.34 -13.70
CA SER A 28 -15.75 -11.61 -14.11
C SER A 28 -15.14 -10.67 -15.15
N ARG A 29 -15.99 -10.10 -16.01
CA ARG A 29 -15.59 -8.99 -16.88
C ARG A 29 -15.34 -7.81 -15.95
N THR A 30 -16.13 -7.76 -14.87
CA THR A 30 -16.12 -6.75 -13.84
C THR A 30 -14.83 -6.76 -13.03
N THR A 31 -14.52 -7.93 -12.47
CA THR A 31 -13.34 -8.18 -11.67
C THR A 31 -12.06 -7.81 -12.41
N ARG A 32 -12.10 -8.01 -13.69
CA ARG A 32 -10.97 -7.77 -14.50
C ARG A 32 -10.84 -6.29 -14.89
N VAL A 33 -11.98 -5.63 -15.20
CA VAL A 33 -12.07 -4.16 -15.34
C VAL A 33 -11.63 -3.47 -14.05
N ALA A 34 -12.13 -3.92 -12.89
CA ALA A 34 -11.74 -3.36 -11.63
C ALA A 34 -10.24 -3.53 -11.34
N GLY A 35 -9.64 -4.63 -11.75
CA GLY A 35 -8.21 -4.81 -11.58
C GLY A 35 -7.29 -3.86 -12.40
N ILE A 36 -7.62 -3.64 -13.68
CA ILE A 36 -7.03 -2.65 -14.57
C ILE A 36 -7.11 -1.29 -13.88
N LEU A 37 -8.28 -0.95 -13.32
CA LEU A 37 -8.43 0.38 -12.76
C LEU A 37 -7.65 0.52 -11.46
N ARG A 38 -7.71 -0.54 -10.66
CA ARG A 38 -7.05 -0.55 -9.36
C ARG A 38 -5.57 -0.47 -9.56
N ASP A 39 -5.07 -1.28 -10.49
CA ASP A 39 -3.58 -1.22 -10.82
C ASP A 39 -3.16 0.06 -11.32
N ALA A 40 -4.01 0.76 -12.09
CA ALA A 40 -3.62 2.13 -12.47
C ALA A 40 -3.65 3.11 -11.32
N ILE A 41 -4.49 2.87 -10.36
CA ILE A 41 -4.42 3.83 -9.21
C ILE A 41 -3.18 3.54 -8.36
N ILE A 42 -2.91 2.23 -8.16
CA ILE A 42 -1.69 1.79 -7.37
C ILE A 42 -0.39 2.38 -7.97
N ASP A 43 -0.27 2.28 -9.27
CA ASP A 43 0.90 2.76 -9.90
C ASP A 43 0.99 4.21 -10.14
N GLY A 44 -0.12 4.93 -9.94
CA GLY A 44 -0.08 6.39 -9.89
C GLY A 44 -0.40 6.94 -11.23
N THR A 45 -0.77 6.11 -12.17
CA THR A 45 -1.29 6.56 -13.47
C THR A 45 -2.55 7.39 -13.32
N PHE A 46 -3.52 6.97 -12.46
CA PHE A 46 -4.58 7.92 -12.09
C PHE A 46 -4.08 8.54 -10.80
N ARG A 47 -4.00 9.86 -10.74
CA ARG A 47 -3.46 10.59 -9.62
C ARG A 47 -4.57 10.74 -8.51
N PRO A 48 -4.20 10.86 -7.23
CA PRO A 48 -5.24 11.21 -6.19
C PRO A 48 -6.00 12.39 -6.60
N GLY A 49 -7.32 12.32 -6.44
CA GLY A 49 -8.09 13.39 -6.95
C GLY A 49 -8.53 13.33 -8.38
N ALA A 50 -7.92 12.51 -9.23
CA ALA A 50 -8.33 12.44 -10.68
C ALA A 50 -9.73 11.81 -10.77
N ARG A 51 -10.56 12.27 -11.74
CA ARG A 51 -11.88 11.69 -12.14
C ARG A 51 -11.78 10.43 -12.98
N LEU A 52 -12.58 9.40 -12.72
CA LEU A 52 -12.58 8.29 -13.60
C LEU A 52 -13.82 8.48 -14.44
N SER A 53 -13.60 8.55 -15.75
CA SER A 53 -14.65 8.77 -16.67
C SER A 53 -15.25 7.52 -17.13
N GLU A 54 -16.56 7.34 -16.84
CA GLU A 54 -17.25 6.16 -17.38
C GLU A 54 -17.31 6.02 -18.89
N PRO A 55 -17.76 7.10 -19.64
CA PRO A 55 -17.80 6.86 -21.09
C PRO A 55 -16.38 6.64 -21.70
N ASP A 56 -15.39 7.36 -21.23
CA ASP A 56 -13.92 7.23 -21.76
C ASP A 56 -13.43 5.80 -21.49
N ILE A 57 -13.65 5.32 -20.27
CA ILE A 57 -13.35 3.96 -20.00
C ILE A 57 -14.10 2.91 -20.79
N CYS A 58 -15.44 2.99 -20.79
CA CYS A 58 -16.27 2.08 -21.57
C CYS A 58 -15.83 2.09 -23.02
N ALA A 59 -15.64 3.28 -23.57
CA ALA A 59 -15.25 3.37 -24.97
C ALA A 59 -13.92 2.59 -25.16
N ALA A 60 -12.85 3.01 -24.48
CA ALA A 60 -11.57 2.36 -24.62
C ALA A 60 -11.62 0.87 -24.33
N LEU A 61 -12.20 0.43 -23.25
CA LEU A 61 -12.19 -1.02 -22.98
C LEU A 61 -13.25 -1.81 -23.73
N ASP A 62 -14.24 -1.17 -24.37
CA ASP A 62 -15.45 -1.86 -24.91
C ASP A 62 -16.23 -2.77 -24.02
N VAL A 63 -16.60 -2.28 -22.86
CA VAL A 63 -17.45 -3.03 -21.95
C VAL A 63 -18.64 -2.14 -21.75
N SER A 64 -19.60 -2.63 -20.98
CA SER A 64 -20.87 -1.96 -20.87
C SER A 64 -20.72 -0.99 -19.74
N ARG A 65 -21.60 -0.02 -19.66
CA ARG A 65 -21.73 0.83 -18.48
C ARG A 65 -21.89 0.16 -17.17
N ASN A 66 -22.63 -0.92 -17.14
CA ASN A 66 -22.79 -1.64 -15.86
C ASN A 66 -21.52 -2.25 -15.39
N THR A 67 -20.77 -2.78 -16.36
CA THR A 67 -19.48 -3.38 -16.08
C THR A 67 -18.63 -2.30 -15.37
N VAL A 68 -18.57 -1.10 -15.95
CA VAL A 68 -17.78 -0.01 -15.36
C VAL A 68 -18.32 0.49 -14.01
N ARG A 69 -19.61 0.65 -13.91
CA ARG A 69 -20.22 1.00 -12.62
C ARG A 69 -20.02 -0.07 -11.58
N GLU A 70 -20.09 -1.34 -11.91
CA GLU A 70 -19.75 -2.36 -10.86
C GLU A 70 -18.26 -2.33 -10.40
N ALA A 71 -17.30 -2.21 -11.35
CA ALA A 71 -15.86 -1.92 -11.04
C ALA A 71 -15.73 -0.72 -10.12
N PHE A 72 -16.39 0.38 -10.42
CA PHE A 72 -16.34 1.55 -9.47
C PHE A 72 -16.78 1.19 -8.07
N GLN A 73 -17.83 0.33 -7.98
CA GLN A 73 -18.32 -0.14 -6.64
C GLN A 73 -17.23 -0.85 -5.88
N ILE A 74 -16.58 -1.78 -6.55
CA ILE A 74 -15.44 -2.50 -5.98
C ILE A 74 -14.38 -1.53 -5.48
N LEU A 75 -14.10 -0.45 -6.26
CA LEU A 75 -12.94 0.48 -5.94
C LEU A 75 -13.31 1.32 -4.78
N ILE A 76 -14.61 1.60 -4.75
CA ILE A 76 -15.20 2.29 -3.55
C ILE A 76 -15.04 1.45 -2.25
N GLU A 77 -15.35 0.17 -2.33
CA GLU A 77 -15.19 -0.63 -1.13
C GLU A 77 -13.67 -0.73 -0.80
N ASP A 78 -12.80 -0.87 -1.82
CA ASP A 78 -11.32 -0.87 -1.62
C ASP A 78 -10.78 0.39 -1.01
N ARG A 79 -11.61 1.38 -0.88
CA ARG A 79 -11.27 2.75 -0.42
C ARG A 79 -10.25 3.53 -1.34
N LEU A 80 -10.23 3.18 -2.63
CA LEU A 80 -9.40 3.90 -3.62
C LEU A 80 -10.12 5.12 -4.29
N VAL A 81 -11.43 5.07 -4.42
CA VAL A 81 -12.18 6.13 -5.13
C VAL A 81 -13.41 6.44 -4.25
N ALA A 82 -14.01 7.62 -4.49
CA ALA A 82 -15.19 8.10 -3.79
C ALA A 82 -16.11 8.70 -4.81
N HIS A 83 -17.42 8.50 -4.60
CA HIS A 83 -18.46 9.03 -5.46
C HIS A 83 -18.70 10.44 -5.01
N GLU A 84 -18.67 11.41 -5.92
CA GLU A 84 -19.18 12.76 -5.60
C GLU A 84 -20.56 12.98 -6.23
N LEU A 85 -21.51 13.33 -5.36
CA LEU A 85 -22.89 13.65 -5.69
C LEU A 85 -23.33 13.75 -7.17
N ASN A 86 -22.95 14.83 -7.85
CA ASN A 86 -23.40 14.82 -9.26
C ASN A 86 -22.15 15.01 -10.15
N ARG A 87 -20.98 14.62 -9.63
CA ARG A 87 -19.70 14.98 -10.24
C ARG A 87 -18.99 13.71 -10.75
N GLY A 88 -19.34 12.54 -10.25
CA GLY A 88 -18.80 11.31 -10.76
C GLY A 88 -17.87 10.72 -9.73
N VAL A 89 -16.97 9.82 -10.18
CA VAL A 89 -15.99 9.18 -9.26
C VAL A 89 -14.53 9.68 -9.33
N PHE A 90 -13.91 9.83 -8.17
CA PHE A 90 -12.63 10.50 -8.12
C PHE A 90 -11.75 9.62 -7.26
N VAL A 91 -10.51 9.43 -7.68
CA VAL A 91 -9.53 8.72 -6.82
C VAL A 91 -9.44 9.52 -5.48
N ARG A 92 -9.50 8.80 -4.36
CA ARG A 92 -9.44 9.47 -3.04
C ARG A 92 -8.19 10.25 -2.73
N VAL A 93 -8.34 11.33 -1.94
CA VAL A 93 -7.25 11.93 -1.26
C VAL A 93 -7.42 11.82 0.28
N PRO A 94 -6.69 10.83 0.89
CA PRO A 94 -6.78 10.52 2.37
C PRO A 94 -6.42 11.79 3.19
N THR A 95 -7.21 12.04 4.20
CA THR A 95 -7.00 13.11 5.18
C THR A 95 -5.88 12.70 6.18
N ALA A 96 -5.32 13.69 6.87
CA ALA A 96 -4.50 13.49 8.08
C ALA A 96 -5.09 12.41 9.03
N GLU A 97 -6.37 12.49 9.37
CA GLU A 97 -7.06 11.46 10.18
C GLU A 97 -7.01 10.01 9.56
N ASP A 98 -7.16 9.90 8.23
CA ASP A 98 -7.06 8.64 7.54
C ASP A 98 -5.67 8.07 7.72
N ILE A 99 -4.66 8.95 7.67
CA ILE A 99 -3.29 8.51 7.78
C ILE A 99 -2.97 8.03 9.27
N THR A 100 -3.43 8.73 10.27
CA THR A 100 -3.28 8.27 11.62
C THR A 100 -3.98 6.89 11.83
N GLU A 101 -5.15 6.71 11.25
CA GLU A 101 -5.87 5.47 11.31
C GLU A 101 -5.14 4.35 10.64
N LEU A 102 -4.51 4.63 9.52
CA LEU A 102 -3.72 3.60 8.83
C LEU A 102 -2.51 3.18 9.64
N TYR A 103 -1.75 4.11 10.20
CA TYR A 103 -0.62 3.76 11.07
C TYR A 103 -1.03 2.98 12.32
N ILE A 104 -2.18 3.30 12.96
CA ILE A 104 -2.62 2.44 14.09
C ILE A 104 -2.77 1.00 13.57
N CYS A 105 -3.49 0.76 12.44
CA CYS A 105 -3.67 -0.57 11.90
C CYS A 105 -2.35 -1.26 11.60
N ARG A 106 -1.38 -0.52 11.01
CA ARG A 106 -0.10 -1.11 10.64
C ARG A 106 0.73 -1.43 11.83
N ARG A 107 0.70 -0.59 12.82
CA ARG A 107 1.43 -0.96 14.03
C ARG A 107 0.88 -2.23 14.70
N VAL A 108 -0.47 -2.30 14.82
CA VAL A 108 -1.07 -3.43 15.42
C VAL A 108 -0.72 -4.66 14.68
N VAL A 109 -0.92 -4.72 13.37
CA VAL A 109 -0.85 -5.97 12.72
C VAL A 109 0.65 -6.27 12.35
N GLU A 110 1.42 -5.24 11.85
CA GLU A 110 2.84 -5.61 11.52
C GLU A 110 3.71 -5.92 12.73
N CYS A 111 3.57 -5.17 13.79
CA CYS A 111 4.31 -5.52 14.99
C CYS A 111 3.96 -6.87 15.49
N ALA A 112 2.65 -7.23 15.49
CA ALA A 112 2.29 -8.59 15.87
C ALA A 112 3.00 -9.60 14.98
N GLY A 113 3.05 -9.38 13.67
CA GLY A 113 3.64 -10.35 12.75
C GLY A 113 5.13 -10.57 13.01
N VAL A 114 5.82 -9.47 13.28
CA VAL A 114 7.26 -9.43 13.60
C VAL A 114 7.54 -10.07 14.98
N ASN A 115 6.82 -9.63 16.00
CA ASN A 115 7.03 -10.08 17.36
C ASN A 115 6.69 -11.54 17.60
N GLY A 116 5.75 -12.04 16.82
CA GLY A 116 5.31 -13.40 16.89
C GLY A 116 6.05 -14.27 15.95
N PHE A 117 7.02 -13.75 15.22
CA PHE A 117 7.67 -14.59 14.22
C PHE A 117 8.53 -15.71 14.92
N ASP A 118 8.48 -16.89 14.31
CA ASP A 118 9.19 -18.06 14.84
C ASP A 118 10.29 -18.49 13.87
N PRO A 119 11.56 -18.11 14.22
CA PRO A 119 12.69 -18.36 13.30
C PRO A 119 12.71 -19.81 12.89
N ALA A 120 12.82 -20.69 13.91
CA ALA A 120 12.72 -22.18 13.79
C ALA A 120 11.52 -22.79 13.00
N THR A 121 10.99 -22.10 11.99
CA THR A 121 9.78 -22.57 11.35
C THR A 121 9.22 -21.52 10.36
N GLY A 122 9.22 -20.22 10.75
CA GLY A 122 8.62 -19.22 9.88
C GLY A 122 9.37 -19.05 8.58
N ASP A 123 8.71 -18.50 7.56
CA ASP A 123 9.44 -18.25 6.32
C ASP A 123 9.59 -16.71 5.94
N LEU A 124 10.84 -16.26 5.71
CA LEU A 124 11.11 -14.83 5.41
C LEU A 124 11.21 -14.46 3.94
N SER A 125 10.95 -15.42 3.05
CA SER A 125 11.25 -15.28 1.64
C SER A 125 10.45 -14.21 0.92
N ARG A 126 9.22 -13.98 1.34
CA ARG A 126 8.48 -12.96 0.71
C ARG A 126 8.90 -11.57 1.24
N VAL A 127 9.29 -11.49 2.51
CA VAL A 127 9.86 -10.25 3.07
C VAL A 127 11.10 -9.89 2.17
N ALA A 128 11.92 -10.88 1.87
CA ALA A 128 13.19 -10.75 1.17
C ALA A 128 12.94 -10.39 -0.27
N GLU A 129 11.96 -11.03 -0.90
CA GLU A 129 11.59 -10.66 -2.21
C GLU A 129 11.09 -9.23 -2.31
N ALA A 130 10.35 -8.75 -1.32
CA ALA A 130 9.94 -7.39 -1.45
C ALA A 130 11.17 -6.42 -1.38
N LEU A 131 12.13 -6.70 -0.53
CA LEU A 131 13.33 -5.91 -0.50
C LEU A 131 14.19 -5.96 -1.78
N ASP A 132 14.46 -7.17 -2.34
CA ASP A 132 15.10 -7.30 -3.69
C ASP A 132 14.36 -6.41 -4.69
N LEU A 133 13.00 -6.41 -4.65
CA LEU A 133 12.29 -5.65 -5.62
C LEU A 133 12.50 -4.13 -5.46
N ALA A 134 12.54 -3.64 -4.22
CA ALA A 134 12.69 -2.23 -3.86
C ALA A 134 14.03 -1.76 -4.27
N ASP A 135 15.05 -2.58 -3.98
CA ASP A 135 16.45 -2.33 -4.38
C ASP A 135 16.55 -2.14 -5.89
N GLU A 136 15.94 -3.04 -6.65
CA GLU A 136 15.81 -2.86 -8.10
C GLU A 136 15.17 -1.57 -8.63
N ARG A 137 14.03 -1.15 -8.07
CA ARG A 137 13.36 0.15 -8.38
C ARG A 137 14.25 1.31 -8.04
N TYR A 138 14.92 1.18 -6.92
CA TYR A 138 15.76 2.26 -6.46
C TYR A 138 16.98 2.44 -7.54
N ALA A 139 17.53 1.31 -7.97
CA ALA A 139 18.72 1.23 -8.91
C ALA A 139 18.34 1.90 -10.17
N VAL A 140 17.06 1.84 -10.51
CA VAL A 140 16.51 2.43 -11.81
C VAL A 140 15.88 3.78 -11.56
N GLU A 141 16.04 4.33 -10.32
CA GLU A 141 15.40 5.59 -10.00
C GLU A 141 13.88 5.72 -10.24
N ASP A 142 13.18 4.58 -10.08
CA ASP A 142 11.75 4.53 -10.19
C ASP A 142 11.16 4.87 -8.74
N TRP A 143 11.03 6.13 -8.36
CA TRP A 143 10.81 6.47 -6.96
C TRP A 143 9.41 5.96 -6.53
N THR A 144 8.50 6.07 -7.46
CA THR A 144 7.17 5.60 -7.29
C THR A 144 7.21 4.08 -7.07
N GLY A 145 7.85 3.31 -7.94
CA GLY A 145 8.02 1.89 -7.70
C GLY A 145 8.70 1.50 -6.36
N VAL A 146 9.57 2.35 -5.89
CA VAL A 146 10.17 2.09 -4.59
C VAL A 146 9.06 2.18 -3.41
N GLY A 147 8.15 3.15 -3.49
CA GLY A 147 7.07 3.31 -2.45
C GLY A 147 6.18 2.08 -2.61
N THR A 148 5.87 1.69 -3.84
CA THR A 148 5.05 0.51 -4.06
C THR A 148 5.66 -0.74 -3.38
N ALA A 149 6.98 -0.96 -3.58
CA ALA A 149 7.71 -2.09 -2.98
C ALA A 149 7.83 -1.92 -1.50
N ASP A 150 7.83 -0.69 -0.99
CA ASP A 150 7.88 -0.51 0.42
C ASP A 150 6.52 -1.09 1.00
N ILE A 151 5.39 -0.85 0.34
CA ILE A 151 4.09 -1.41 0.73
C ILE A 151 4.13 -2.93 0.64
N HIS A 152 4.68 -3.53 -0.41
CA HIS A 152 4.83 -5.01 -0.44
C HIS A 152 5.61 -5.59 0.72
N PHE A 153 6.69 -4.92 1.11
CA PHE A 153 7.47 -5.32 2.25
C PHE A 153 6.66 -5.26 3.56
N HIS A 154 5.99 -4.16 3.79
CA HIS A 154 5.20 -4.03 5.05
C HIS A 154 3.99 -5.04 5.01
N SER A 155 3.42 -5.23 3.84
CA SER A 155 2.40 -6.28 3.68
C SER A 155 2.92 -7.69 3.98
N ALA A 156 4.13 -7.99 3.52
CA ALA A 156 4.84 -9.23 3.83
C ALA A 156 5.04 -9.44 5.31
N LEU A 157 5.31 -8.34 6.02
CA LEU A 157 5.48 -8.43 7.47
C LEU A 157 4.13 -8.69 8.20
N ALA A 158 3.06 -8.02 7.75
CA ALA A 158 1.68 -8.34 8.22
C ALA A 158 1.27 -9.86 7.97
N SER A 159 1.73 -10.46 6.88
CA SER A 159 1.53 -11.84 6.51
C SER A 159 2.29 -12.78 7.34
N LEU A 160 3.20 -12.29 8.16
CA LEU A 160 3.95 -13.17 9.03
C LEU A 160 3.04 -13.67 10.21
N ASN A 161 1.98 -12.93 10.43
CA ASN A 161 0.90 -13.44 11.30
C ASN A 161 0.24 -14.79 10.87
N ASN A 162 0.47 -15.23 9.63
CA ASN A 162 -0.17 -16.38 9.01
C ASN A 162 -1.67 -16.48 9.10
N SER A 163 -2.39 -15.40 8.92
CA SER A 163 -3.81 -15.42 8.85
C SER A 163 -4.23 -14.85 7.48
N ASN A 164 -4.90 -15.69 6.69
CA ASN A 164 -5.63 -15.25 5.51
C ASN A 164 -6.59 -14.19 5.77
N ARG A 165 -7.22 -14.27 6.93
CA ARG A 165 -8.20 -13.29 7.32
C ARG A 165 -7.54 -11.91 7.55
N ILE A 166 -6.49 -11.85 8.40
CA ILE A 166 -5.70 -10.59 8.60
C ILE A 166 -5.25 -10.04 7.25
N ASP A 167 -4.78 -10.92 6.39
CA ASP A 167 -4.46 -10.56 5.03
C ASP A 167 -5.54 -9.92 4.14
N GLU A 168 -6.73 -10.55 4.05
CA GLU A 168 -7.85 -9.98 3.27
C GLU A 168 -8.18 -8.66 3.92
N LEU A 169 -8.24 -8.62 5.24
CA LEU A 169 -8.69 -7.39 5.85
C LEU A 169 -7.74 -6.17 5.69
N MSE A 170 -6.45 -6.45 5.55
CA MSE A 170 -5.42 -5.33 5.52
C MSE A 170 -5.37 -4.79 4.06
O MSE A 170 -4.71 -3.81 3.81
CB MSE A 170 -4.03 -5.82 5.90
CG MSE A 170 -3.74 -5.99 7.35
SE MSE A 170 -4.04 -4.42 8.36
CE MSE A 170 -2.17 -3.81 8.03
N ARG A 171 -6.03 -5.48 3.14
CA ARG A 171 -6.03 -5.07 1.70
C ARG A 171 -6.34 -3.53 1.48
N SER A 172 -7.29 -2.97 2.19
CA SER A 172 -7.68 -1.65 2.01
C SER A 172 -6.80 -0.70 2.82
N VAL A 173 -6.20 -1.17 3.90
CA VAL A 173 -5.16 -0.43 4.48
C VAL A 173 -3.89 -0.16 3.48
N TRP A 174 -3.36 -1.18 2.81
CA TRP A 174 -2.25 -1.08 1.88
C TRP A 174 -2.57 -0.23 0.70
N ASN A 175 -3.79 -0.42 0.13
CA ASN A 175 -4.42 0.51 -0.84
C ASN A 175 -4.38 1.94 -0.44
N GLU A 176 -4.91 2.23 0.71
CA GLU A 176 -4.85 3.62 1.15
C GLU A 176 -3.40 4.14 1.49
N ALA A 177 -2.56 3.28 2.11
CA ALA A 177 -1.13 3.58 2.35
C ALA A 177 -0.49 3.99 0.99
N ARG A 178 -0.72 3.28 -0.13
CA ARG A 178 -0.24 3.77 -1.42
C ARG A 178 -0.74 5.10 -1.88
N LEU A 179 -2.05 5.38 -1.77
CA LEU A 179 -2.53 6.64 -2.14
C LEU A 179 -1.86 7.72 -1.33
N VAL A 180 -1.79 7.59 0.00
CA VAL A 180 -1.06 8.58 0.80
C VAL A 180 0.36 8.88 0.18
N PHE A 181 1.10 7.84 -0.26
CA PHE A 181 2.41 8.08 -0.82
C PHE A 181 2.34 8.89 -2.13
N HIS A 182 1.31 8.73 -2.95
CA HIS A 182 1.14 9.51 -4.17
C HIS A 182 0.74 10.92 -3.87
N VAL A 183 -0.04 11.15 -2.81
CA VAL A 183 -0.51 12.51 -2.50
C VAL A 183 0.74 13.25 -2.05
N MSE A 184 1.72 12.50 -1.60
CA MSE A 184 2.95 13.13 -1.07
C MSE A 184 3.80 13.76 -2.17
O MSE A 184 4.39 14.79 -1.93
CB MSE A 184 3.83 12.07 -0.43
CG MSE A 184 4.06 12.14 1.07
SE MSE A 184 4.98 10.38 1.30
CE MSE A 184 5.90 9.81 -0.35
N ASP A 185 3.96 13.11 -3.31
CA ASP A 185 4.87 13.60 -4.33
C ASP A 185 6.20 14.12 -3.78
N ASP A 186 6.83 13.29 -2.95
CA ASP A 186 8.15 13.64 -2.39
C ASP A 186 9.05 12.44 -2.45
N ALA A 187 8.79 11.60 -3.42
CA ALA A 187 9.02 10.14 -3.38
C ALA A 187 10.47 9.79 -3.24
N HIS A 188 11.27 10.32 -4.17
CA HIS A 188 12.70 10.24 -4.11
C HIS A 188 13.27 10.54 -2.71
N ARG A 189 13.07 11.73 -2.27
CA ARG A 189 13.60 12.04 -0.97
C ARG A 189 12.95 11.24 0.20
N PHE A 190 11.69 10.90 0.09
CA PHE A 190 10.98 10.21 1.19
C PHE A 190 11.50 8.76 1.34
N HIS A 191 11.43 8.01 0.28
CA HIS A 191 11.65 6.56 0.33
C HIS A 191 13.02 5.97 0.68
N GLY A 192 14.14 6.66 0.33
CA GLY A 192 15.36 5.98 0.47
C GLY A 192 15.70 5.76 1.89
N PRO A 193 15.61 6.78 2.74
CA PRO A 193 15.93 6.41 4.10
C PRO A 193 14.99 5.33 4.79
N TYR A 194 13.75 5.22 4.39
CA TYR A 194 12.89 4.08 4.86
C TYR A 194 13.33 2.75 4.27
N LEU A 195 13.72 2.74 3.00
CA LEU A 195 14.29 1.49 2.39
C LEU A 195 15.51 0.96 3.15
N THR A 196 16.41 1.87 3.52
CA THR A 196 17.54 1.44 4.35
C THR A 196 17.02 0.89 5.69
N ARG A 197 16.05 1.59 6.31
CA ARG A 197 15.57 1.03 7.60
C ARG A 197 14.82 -0.32 7.36
N ASN A 198 14.09 -0.49 6.24
CA ASN A 198 13.54 -1.81 5.97
C ASN A 198 14.57 -2.95 5.97
N HIS A 199 15.74 -2.68 5.37
CA HIS A 199 16.83 -3.71 5.36
C HIS A 199 17.26 -4.03 6.81
N GLU A 200 17.29 -3.02 7.66
CA GLU A 200 17.81 -3.19 8.97
C GLU A 200 16.77 -4.08 9.71
N ILE A 201 15.46 -3.79 9.52
CA ILE A 201 14.36 -4.61 10.13
C ILE A 201 14.52 -6.12 9.63
N TYR A 202 14.69 -6.27 8.34
CA TYR A 202 14.80 -7.59 7.76
C TYR A 202 16.08 -8.25 8.27
N ASP A 203 17.20 -7.48 8.30
CA ASP A 203 18.48 -8.03 8.88
C ASP A 203 18.30 -8.57 10.33
N ALA A 204 17.60 -7.85 11.19
CA ALA A 204 17.32 -8.32 12.50
C ALA A 204 16.38 -9.53 12.53
N LEU A 205 15.39 -9.62 11.61
CA LEU A 205 14.48 -10.77 11.69
C LEU A 205 15.20 -12.02 11.29
N ALA A 206 16.00 -11.92 10.22
CA ALA A 206 16.79 -13.04 9.69
C ALA A 206 17.89 -13.52 10.67
N ALA A 207 18.39 -12.66 11.58
CA ALA A 207 19.26 -13.05 12.70
C ALA A 207 18.48 -13.68 13.88
N GLY A 208 17.15 -13.76 13.72
CA GLY A 208 16.32 -14.33 14.69
C GLY A 208 16.07 -13.40 15.82
N ASN A 209 16.41 -12.10 15.68
CA ASN A 209 16.15 -11.13 16.74
C ASN A 209 14.82 -10.36 16.55
N THR A 210 13.71 -11.08 16.78
CA THR A 210 12.37 -10.59 16.53
C THR A 210 12.06 -9.44 17.50
N GLU A 211 12.74 -9.40 18.62
CA GLU A 211 12.38 -8.41 19.57
C GLU A 211 12.98 -7.04 19.22
N ALA A 212 14.25 -7.11 18.81
CA ALA A 212 14.94 -5.97 18.28
C ALA A 212 14.23 -5.52 16.93
N ALA A 213 13.84 -6.48 16.07
CA ALA A 213 13.15 -6.22 14.77
C ALA A 213 11.90 -5.42 15.09
N GLY A 214 11.24 -5.82 16.15
CA GLY A 214 9.90 -5.27 16.47
C GLY A 214 10.01 -3.89 17.02
N GLN A 215 11.06 -3.64 17.77
CA GLN A 215 11.27 -2.27 18.25
C GLN A 215 11.67 -1.25 17.10
N LEU A 216 12.50 -1.75 16.22
CA LEU A 216 12.95 -1.05 15.04
C LEU A 216 11.70 -0.65 14.22
N LEU A 217 10.82 -1.62 13.93
CA LEU A 217 9.57 -1.36 13.22
C LEU A 217 8.62 -0.34 13.94
N LYS A 218 8.50 -0.41 15.24
CA LYS A 218 7.62 0.56 15.92
C LYS A 218 8.15 2.03 15.79
N THR A 219 9.43 2.29 16.08
CA THR A 219 10.02 3.63 15.88
C THR A 219 9.86 4.05 14.43
N TYR A 220 10.05 3.11 13.52
CA TYR A 220 9.83 3.35 12.05
C TYR A 220 8.41 3.87 11.71
N LEU A 221 7.38 3.20 12.25
CA LEU A 221 6.05 3.51 11.85
C LEU A 221 5.73 4.82 12.43
N GLU A 222 6.21 5.06 13.65
CA GLU A 222 5.99 6.31 14.27
C GLU A 222 6.73 7.44 13.50
N ASP A 223 8.01 7.20 13.16
CA ASP A 223 8.73 8.18 12.27
C ASP A 223 7.95 8.49 11.02
N ALA A 224 7.58 7.48 10.31
CA ALA A 224 6.94 7.62 9.03
C ALA A 224 5.66 8.40 9.13
N GLU A 225 4.85 8.15 10.16
CA GLU A 225 3.62 8.89 10.28
C GLU A 225 3.84 10.40 10.49
N ALA A 226 4.72 10.70 11.42
CA ALA A 226 5.01 12.08 11.92
C ALA A 226 5.60 12.81 10.68
N GLN A 227 6.38 12.09 9.88
CA GLN A 227 6.96 12.73 8.72
C GLN A 227 5.95 13.01 7.68
N ILE A 228 5.05 12.07 7.42
CA ILE A 228 4.04 12.37 6.40
C ILE A 228 3.13 13.52 6.93
N LEU A 229 2.75 13.49 8.19
CA LEU A 229 1.88 14.49 8.69
C LEU A 229 2.53 15.88 8.66
N GLY A 230 3.84 15.95 8.87
CA GLY A 230 4.58 17.20 8.97
C GLY A 230 4.51 17.95 7.65
N ALA A 231 4.57 17.19 6.55
CA ALA A 231 4.47 17.71 5.22
C ALA A 231 3.02 17.72 4.75
N TYR A 232 2.06 17.33 5.56
CA TYR A 232 0.80 17.02 4.85
C TYR A 232 -0.02 18.28 4.60
N ARG A 233 -0.26 18.53 3.28
CA ARG A 233 -1.34 19.43 2.69
C ARG A 233 -1.96 20.59 3.53
C ACT B . 6.14 3.60 5.31
O ACT B . 6.13 2.38 4.93
OXT ACT B . 5.18 4.05 6.08
CH3 ACT B . 7.27 4.61 4.95
#